data_3DG3
#
_entry.id   3DG3
#
_cell.length_a   123.621
_cell.length_b   123.621
_cell.length_c   117.590
_cell.angle_alpha   90.00
_cell.angle_beta   90.00
_cell.angle_gamma   90.00
#
_symmetry.space_group_name_H-M   'I 4 2 2'
#
loop_
_entity.id
_entity.type
_entity.pdbx_description
1 polymer 'Muconate cycloisomerase'
2 non-polymer 'MAGNESIUM ION'
3 water water
#
_entity_poly.entity_id   1
_entity_poly.type   'polypeptide(L)'
_entity_poly.pdbx_seq_one_letter_code
;MKIVAIGAIPFSIPYTKPLRFASGEVHAAEHVLVRVHTDDGIVGVAEAPPRPFTYGETQTGIVAVIEQYFAPALIGLTLT
EREVAHTRMARTVGNPTAKAAIDMAMWDALGQSLRLSVSEMLGGYTDRMRVSHMLGFDDPVKMVAEAERIRETYGINTFK
VKVGRRPVQLDTAVVRALRERFGDAIELYVDGNRGWSAAESLRAMREMADLDLLFAEELCPADDVLSRRRLVGQLDMPFI
ADESVPTPADVTREVLGGSATAISIKTARTGFTGSTRVHHLAEGLGLDMVMGNQIDGQIGTACTVSFGTAFERTSRHAGE
LSNFLDMSDDLLTVPLQISDGQLHRRPGPGLGIEIDPDKLAHYRTDN
;
_entity_poly.pdbx_strand_id   A
#
loop_
_chem_comp.id
_chem_comp.type
_chem_comp.name
_chem_comp.formula
MG non-polymer 'MAGNESIUM ION' 'Mg 2'
#
# COMPACT_ATOMS: atom_id res chain seq x y z
N MET A 1 -22.40 9.00 -17.12
CA MET A 1 -21.31 8.75 -16.13
C MET A 1 -21.07 9.97 -15.25
N LYS A 2 -22.13 10.54 -14.70
CA LYS A 2 -22.02 11.70 -13.85
C LYS A 2 -22.16 11.28 -12.39
N ILE A 3 -21.32 11.85 -11.52
CA ILE A 3 -21.38 11.53 -10.10
C ILE A 3 -22.60 12.21 -9.49
N VAL A 4 -23.47 11.42 -8.85
CA VAL A 4 -24.67 11.96 -8.23
C VAL A 4 -24.56 11.96 -6.72
N ALA A 5 -23.64 11.15 -6.19
CA ALA A 5 -23.44 11.08 -4.74
C ALA A 5 -22.16 10.34 -4.37
N ILE A 6 -21.60 10.71 -3.22
CA ILE A 6 -20.40 10.09 -2.70
C ILE A 6 -20.62 9.86 -1.21
N GLY A 7 -20.53 8.60 -0.78
CA GLY A 7 -20.74 8.28 0.62
C GLY A 7 -19.52 7.72 1.31
N ALA A 8 -19.51 7.82 2.64
CA ALA A 8 -18.40 7.32 3.46
C ALA A 8 -18.99 6.57 4.65
N ILE A 9 -18.86 5.25 4.63
CA ILE A 9 -19.39 4.41 5.70
C ILE A 9 -18.33 3.76 6.57
N PRO A 10 -18.28 4.11 7.86
CA PRO A 10 -17.28 3.52 8.75
C PRO A 10 -17.67 2.08 9.09
N PHE A 11 -16.68 1.21 9.15
CA PHE A 11 -16.92 -0.18 9.52
C PHE A 11 -15.75 -0.73 10.32
N SER A 12 -15.98 -1.79 11.07
CA SER A 12 -14.93 -2.38 11.88
C SER A 12 -14.96 -3.90 11.81
N ILE A 13 -13.80 -4.49 11.54
CA ILE A 13 -13.67 -5.94 11.46
C ILE A 13 -12.47 -6.35 12.32
N PRO A 14 -12.71 -7.21 13.32
CA PRO A 14 -11.64 -7.67 14.21
C PRO A 14 -10.53 -8.44 13.50
N TYR A 15 -9.32 -8.36 14.04
CA TYR A 15 -8.19 -9.09 13.49
C TYR A 15 -8.09 -10.44 14.21
N THR A 16 -7.53 -11.43 13.53
CA THR A 16 -7.38 -12.76 14.12
C THR A 16 -6.20 -12.82 15.08
N ALA A 28 -7.95 -4.52 15.20
CA ALA A 28 -9.16 -4.49 14.36
C ALA A 28 -9.01 -3.48 13.23
N ALA A 29 -9.62 -3.79 12.09
CA ALA A 29 -9.56 -2.90 10.94
C ALA A 29 -10.75 -1.93 11.00
N GLU A 30 -10.47 -0.69 11.36
CA GLU A 30 -11.53 0.33 11.44
C GLU A 30 -11.36 1.22 10.22
N HIS A 31 -11.90 0.77 9.09
CA HIS A 31 -11.77 1.52 7.85
C HIS A 31 -13.05 2.24 7.46
N VAL A 32 -13.00 2.89 6.30
CA VAL A 32 -14.14 3.63 5.78
C VAL A 32 -14.41 3.17 4.36
N LEU A 33 -15.65 2.72 4.11
CA LEU A 33 -16.03 2.30 2.78
C LEU A 33 -16.50 3.53 2.03
N VAL A 34 -15.86 3.82 0.91
CA VAL A 34 -16.21 4.99 0.11
C VAL A 34 -16.94 4.54 -1.14
N ARG A 35 -18.08 5.15 -1.41
CA ARG A 35 -18.88 4.78 -2.58
C ARG A 35 -19.23 5.96 -3.45
N VAL A 36 -18.92 5.85 -4.74
CA VAL A 36 -19.22 6.88 -5.72
C VAL A 36 -20.38 6.41 -6.58
N HIS A 37 -21.52 7.09 -6.47
CA HIS A 37 -22.72 6.74 -7.23
C HIS A 37 -22.84 7.58 -8.51
N THR A 38 -23.21 6.93 -9.62
CA THR A 38 -23.37 7.66 -10.89
C THR A 38 -24.84 7.69 -11.33
N ASP A 39 -25.13 8.52 -12.33
CA ASP A 39 -26.48 8.64 -12.85
C ASP A 39 -26.85 7.46 -13.73
N ASP A 40 -25.93 6.49 -13.85
CA ASP A 40 -26.16 5.29 -14.63
C ASP A 40 -26.48 4.12 -13.71
N GLY A 41 -26.58 4.42 -12.41
CA GLY A 41 -26.89 3.38 -11.43
C GLY A 41 -25.66 2.59 -11.01
N ILE A 42 -24.49 2.98 -11.50
CA ILE A 42 -23.26 2.30 -11.17
C ILE A 42 -22.68 2.86 -9.87
N VAL A 43 -22.12 1.98 -9.05
CA VAL A 43 -21.51 2.38 -7.79
C VAL A 43 -20.07 1.89 -7.71
N GLY A 44 -19.13 2.83 -7.68
CA GLY A 44 -17.73 2.45 -7.56
C GLY A 44 -17.37 2.45 -6.09
N VAL A 45 -16.45 1.58 -5.68
CA VAL A 45 -16.07 1.51 -4.28
C VAL A 45 -14.58 1.44 -4.02
N ALA A 46 -14.21 1.73 -2.79
CA ALA A 46 -12.83 1.69 -2.33
C ALA A 46 -12.87 1.89 -0.83
N GLU A 47 -11.75 1.66 -0.15
CA GLU A 47 -11.71 1.86 1.29
C GLU A 47 -10.63 2.87 1.64
N ALA A 48 -10.79 3.50 2.80
CA ALA A 48 -9.82 4.47 3.29
C ALA A 48 -9.41 4.01 4.68
N PRO A 49 -8.15 3.57 4.84
CA PRO A 49 -7.69 3.10 6.15
C PRO A 49 -7.14 4.26 6.97
N PRO A 50 -7.79 4.61 8.09
CA PRO A 50 -7.29 5.72 8.90
C PRO A 50 -6.03 5.30 9.65
N ARG A 51 -4.94 6.02 9.41
CA ARG A 51 -3.67 5.74 10.05
C ARG A 51 -3.17 7.02 10.71
N PRO A 52 -3.68 7.33 11.91
CA PRO A 52 -3.25 8.55 12.59
C PRO A 52 -1.74 8.66 12.84
N PHE A 53 -1.07 7.52 12.94
CA PHE A 53 0.37 7.52 13.19
C PHE A 53 1.21 7.53 11.92
N THR A 54 0.56 7.68 10.77
CA THR A 54 1.26 7.73 9.49
C THR A 54 0.85 8.98 8.72
N TYR A 55 -0.44 9.26 8.69
CA TYR A 55 -0.97 10.42 7.96
C TYR A 55 -1.73 11.39 8.85
N GLY A 56 -2.12 10.93 10.03
CA GLY A 56 -2.86 11.79 10.94
C GLY A 56 -4.37 11.77 10.75
N GLU A 57 -4.86 10.89 9.89
CA GLU A 57 -6.29 10.78 9.64
C GLU A 57 -6.93 9.85 10.68
N THR A 58 -8.19 10.11 10.99
CA THR A 58 -8.93 9.26 11.92
C THR A 58 -10.16 8.78 11.17
N GLN A 59 -10.80 7.72 11.65
CA GLN A 59 -11.97 7.21 10.98
C GLN A 59 -13.04 8.30 10.95
N THR A 60 -13.23 8.99 12.07
CA THR A 60 -14.22 10.07 12.15
C THR A 60 -13.84 11.20 11.20
N GLY A 61 -12.55 11.53 11.15
CA GLY A 61 -12.07 12.60 10.29
C GLY A 61 -12.24 12.36 8.80
N ILE A 62 -12.03 11.10 8.38
CA ILE A 62 -12.17 10.74 6.97
C ILE A 62 -13.63 10.92 6.52
N VAL A 63 -14.56 10.41 7.32
CA VAL A 63 -15.96 10.54 6.99
C VAL A 63 -16.34 12.02 6.93
N ALA A 64 -15.82 12.79 7.87
CA ALA A 64 -16.12 14.22 7.92
C ALA A 64 -15.61 14.99 6.71
N VAL A 65 -14.35 14.78 6.33
CA VAL A 65 -13.81 15.52 5.19
C VAL A 65 -14.51 15.14 3.88
N ILE A 66 -14.91 13.88 3.77
CA ILE A 66 -15.59 13.43 2.55
C ILE A 66 -17.02 14.00 2.48
N GLU A 67 -17.76 13.88 3.57
CA GLU A 67 -19.14 14.38 3.59
C GLU A 67 -19.22 15.90 3.53
N GLN A 68 -18.30 16.58 4.23
CA GLN A 68 -18.31 18.03 4.30
C GLN A 68 -17.56 18.79 3.20
N TYR A 69 -16.53 18.18 2.63
CA TYR A 69 -15.76 18.89 1.62
C TYR A 69 -15.67 18.24 0.25
N PHE A 70 -15.18 17.01 0.18
CA PHE A 70 -15.01 16.36 -1.11
C PHE A 70 -16.30 16.01 -1.87
N ALA A 71 -17.26 15.40 -1.19
CA ALA A 71 -18.51 15.03 -1.85
C ALA A 71 -19.17 16.23 -2.54
N PRO A 72 -19.46 17.30 -1.79
CA PRO A 72 -20.10 18.45 -2.46
C PRO A 72 -19.27 19.08 -3.58
N ALA A 73 -17.96 18.94 -3.51
CA ALA A 73 -17.09 19.53 -4.53
C ALA A 73 -16.99 18.66 -5.79
N LEU A 74 -17.33 17.39 -5.68
CA LEU A 74 -17.23 16.49 -6.83
C LEU A 74 -18.54 16.09 -7.51
N ILE A 75 -19.65 16.20 -6.78
CA ILE A 75 -20.94 15.85 -7.37
C ILE A 75 -21.15 16.71 -8.63
N GLY A 76 -21.56 16.07 -9.71
CA GLY A 76 -21.78 16.81 -10.95
C GLY A 76 -20.70 16.54 -11.99
N LEU A 77 -19.53 16.10 -11.55
CA LEU A 77 -18.46 15.81 -12.50
C LEU A 77 -18.69 14.45 -13.12
N THR A 78 -18.17 14.24 -14.33
CA THR A 78 -18.32 12.96 -15.00
C THR A 78 -17.10 12.12 -14.62
N LEU A 79 -17.16 10.82 -14.89
CA LEU A 79 -16.06 9.93 -14.57
C LEU A 79 -14.85 10.16 -15.48
N THR A 80 -15.01 11.04 -16.47
CA THR A 80 -13.92 11.34 -17.38
C THR A 80 -13.42 12.78 -17.23
N GLU A 81 -13.46 13.26 -15.98
CA GLU A 81 -12.97 14.58 -15.63
C GLU A 81 -12.10 14.38 -14.40
N ARG A 82 -11.31 13.31 -14.43
CA ARG A 82 -10.43 12.96 -13.33
C ARG A 82 -9.49 14.08 -12.92
N GLU A 83 -8.99 14.84 -13.89
CA GLU A 83 -8.08 15.92 -13.56
C GLU A 83 -8.78 17.08 -12.86
N VAL A 84 -10.08 17.24 -13.13
CA VAL A 84 -10.84 18.30 -12.46
C VAL A 84 -11.03 17.85 -11.01
N ALA A 85 -11.35 16.58 -10.82
CA ALA A 85 -11.54 16.03 -9.49
C ALA A 85 -10.23 16.09 -8.72
N HIS A 86 -9.15 15.76 -9.41
CA HIS A 86 -7.81 15.76 -8.81
C HIS A 86 -7.45 17.16 -8.32
N THR A 87 -7.68 18.15 -9.17
CA THR A 87 -7.37 19.55 -8.85
C THR A 87 -8.24 20.09 -7.72
N ARG A 88 -9.53 19.76 -7.74
CA ARG A 88 -10.42 20.23 -6.69
C ARG A 88 -10.06 19.63 -5.34
N MET A 89 -9.81 18.33 -5.31
CA MET A 89 -9.45 17.69 -4.04
C MET A 89 -8.11 18.22 -3.54
N ALA A 90 -7.22 18.56 -4.47
CA ALA A 90 -5.90 19.05 -4.12
C ALA A 90 -5.93 20.37 -3.36
N ARG A 91 -7.07 21.06 -3.38
CA ARG A 91 -7.20 22.31 -2.66
C ARG A 91 -7.10 22.03 -1.16
N THR A 92 -7.58 20.86 -0.75
CA THR A 92 -7.52 20.46 0.64
C THR A 92 -6.18 19.76 0.85
N VAL A 93 -5.45 20.18 1.88
CA VAL A 93 -4.15 19.61 2.18
C VAL A 93 -4.30 18.31 2.97
N GLY A 94 -3.37 17.37 2.76
CA GLY A 94 -3.42 16.11 3.47
C GLY A 94 -4.62 15.24 3.16
N ASN A 95 -5.15 14.57 4.18
CA ASN A 95 -6.30 13.68 4.03
C ASN A 95 -6.05 12.74 2.86
N PRO A 96 -4.85 12.13 2.81
CA PRO A 96 -4.50 11.23 1.72
C PRO A 96 -5.40 10.03 1.42
N THR A 97 -5.75 9.23 2.41
CA THR A 97 -6.58 8.06 2.12
C THR A 97 -8.00 8.44 1.72
N ALA A 98 -8.49 9.57 2.23
CA ALA A 98 -9.83 10.02 1.88
C ALA A 98 -9.86 10.35 0.39
N LYS A 99 -8.86 11.10 -0.06
CA LYS A 99 -8.76 11.47 -1.46
C LYS A 99 -8.53 10.25 -2.34
N ALA A 100 -7.60 9.40 -1.92
CA ALA A 100 -7.26 8.21 -2.68
C ALA A 100 -8.47 7.28 -2.87
N ALA A 101 -9.25 7.11 -1.81
CA ALA A 101 -10.43 6.25 -1.88
C ALA A 101 -11.42 6.78 -2.91
N ILE A 102 -11.65 8.09 -2.92
CA ILE A 102 -12.57 8.67 -3.89
C ILE A 102 -12.05 8.46 -5.30
N ASP A 103 -10.76 8.68 -5.50
CA ASP A 103 -10.18 8.49 -6.83
C ASP A 103 -10.33 7.04 -7.30
N MET A 104 -10.02 6.08 -6.43
CA MET A 104 -10.12 4.68 -6.79
C MET A 104 -11.56 4.23 -7.02
N ALA A 105 -12.48 4.78 -6.23
CA ALA A 105 -13.90 4.44 -6.40
C ALA A 105 -14.37 5.00 -7.75
N MET A 106 -13.87 6.17 -8.12
CA MET A 106 -14.23 6.76 -9.40
C MET A 106 -13.72 5.88 -10.53
N TRP A 107 -12.48 5.40 -10.40
CA TRP A 107 -11.90 4.53 -11.41
C TRP A 107 -12.68 3.21 -11.48
N ASP A 108 -13.14 2.72 -10.34
CA ASP A 108 -13.91 1.48 -10.29
C ASP A 108 -15.19 1.68 -11.09
N ALA A 109 -15.88 2.79 -10.82
CA ALA A 109 -17.12 3.13 -11.50
C ALA A 109 -16.89 3.28 -13.00
N LEU A 110 -15.78 3.90 -13.37
CA LEU A 110 -15.45 4.11 -14.78
C LEU A 110 -15.26 2.76 -15.46
N GLY A 111 -14.52 1.87 -14.80
CA GLY A 111 -14.27 0.56 -15.35
C GLY A 111 -15.56 -0.21 -15.56
N GLN A 112 -16.46 -0.13 -14.59
CA GLN A 112 -17.73 -0.83 -14.70
C GLN A 112 -18.54 -0.26 -15.86
N SER A 113 -18.47 1.06 -16.03
CA SER A 113 -19.21 1.74 -17.09
C SER A 113 -18.70 1.39 -18.48
N LEU A 114 -17.40 1.10 -18.59
CA LEU A 114 -16.79 0.78 -19.87
C LEU A 114 -16.52 -0.72 -20.05
N ARG A 115 -16.81 -1.49 -19.02
CA ARG A 115 -16.58 -2.95 -19.06
C ARG A 115 -15.09 -3.24 -19.23
N LEU A 116 -14.27 -2.47 -18.51
CA LEU A 116 -12.81 -2.63 -18.55
C LEU A 116 -12.28 -2.68 -17.13
N SER A 117 -11.24 -3.46 -16.89
CA SER A 117 -10.64 -3.54 -15.57
C SER A 117 -9.79 -2.31 -15.34
N VAL A 118 -9.62 -1.92 -14.09
CA VAL A 118 -8.79 -0.77 -13.77
C VAL A 118 -7.37 -1.03 -14.28
N SER A 119 -6.88 -2.25 -14.05
CA SER A 119 -5.55 -2.63 -14.49
C SER A 119 -5.32 -2.35 -15.97
N GLU A 120 -6.24 -2.80 -16.82
CA GLU A 120 -6.04 -2.58 -18.25
C GLU A 120 -6.18 -1.11 -18.62
N MET A 121 -7.10 -0.38 -18.00
CA MET A 121 -7.25 1.03 -18.31
C MET A 121 -5.97 1.79 -17.98
N LEU A 122 -5.29 1.37 -16.92
CA LEU A 122 -4.05 2.03 -16.49
C LEU A 122 -2.82 1.70 -17.33
N GLY A 123 -2.86 0.60 -18.07
CA GLY A 123 -1.71 0.23 -18.89
C GLY A 123 -1.67 -1.24 -19.27
N GLY A 124 -2.24 -2.08 -18.41
CA GLY A 124 -2.30 -3.51 -18.65
C GLY A 124 -1.00 -4.23 -18.99
N TYR A 125 0.09 -3.86 -18.32
CA TYR A 125 1.36 -4.51 -18.61
C TYR A 125 1.31 -6.02 -18.37
N THR A 126 0.75 -6.42 -17.23
CA THR A 126 0.67 -7.84 -16.92
C THR A 126 -0.61 -8.16 -16.15
N ASP A 127 -0.83 -9.43 -15.81
CA ASP A 127 -2.06 -9.81 -15.13
C ASP A 127 -1.89 -10.29 -13.70
N ARG A 128 -0.68 -10.21 -13.16
CA ARG A 128 -0.46 -10.66 -11.80
C ARG A 128 0.78 -10.08 -11.17
N MET A 129 0.86 -10.17 -9.85
CA MET A 129 2.02 -9.69 -9.11
C MET A 129 2.51 -10.75 -8.15
N ARG A 130 3.81 -10.75 -7.89
CA ARG A 130 4.37 -11.67 -6.92
C ARG A 130 4.00 -11.02 -5.59
N VAL A 131 3.80 -11.84 -4.58
CA VAL A 131 3.40 -11.36 -3.26
C VAL A 131 4.49 -11.51 -2.21
N SER A 132 4.60 -10.49 -1.36
CA SER A 132 5.57 -10.55 -0.26
C SER A 132 4.76 -10.57 1.03
N HIS A 133 5.38 -11.04 2.10
CA HIS A 133 4.73 -11.13 3.39
C HIS A 133 5.64 -10.49 4.42
N MET A 134 5.07 -9.73 5.34
CA MET A 134 5.88 -9.08 6.37
C MET A 134 5.69 -9.76 7.72
N LEU A 135 6.78 -9.86 8.47
CA LEU A 135 6.77 -10.48 9.79
C LEU A 135 7.92 -9.95 10.63
N GLY A 136 7.88 -10.22 11.93
CA GLY A 136 8.94 -9.76 12.81
C GLY A 136 8.46 -9.46 14.21
N PHE A 137 9.39 -8.97 15.04
CA PHE A 137 9.08 -8.61 16.42
C PHE A 137 8.77 -9.82 17.30
N ASP A 138 9.46 -10.92 17.03
CA ASP A 138 9.28 -12.15 17.81
C ASP A 138 10.59 -12.93 17.73
N ASP A 139 10.65 -14.07 18.41
CA ASP A 139 11.85 -14.90 18.41
C ASP A 139 12.16 -15.47 17.03
N PRO A 140 13.45 -15.61 16.71
CA PRO A 140 13.89 -16.15 15.42
C PRO A 140 13.24 -17.49 15.07
N VAL A 141 13.16 -18.39 16.05
CA VAL A 141 12.56 -19.70 15.82
C VAL A 141 11.11 -19.58 15.39
N LYS A 142 10.37 -18.70 16.04
CA LYS A 142 8.96 -18.49 15.71
C LYS A 142 8.80 -17.82 14.36
N MET A 143 9.72 -16.92 14.05
CA MET A 143 9.67 -16.21 12.76
C MET A 143 9.95 -17.18 11.62
N VAL A 144 10.89 -18.10 11.85
CA VAL A 144 11.22 -19.10 10.84
C VAL A 144 9.99 -19.98 10.62
N ALA A 145 9.34 -20.37 11.72
CA ALA A 145 8.16 -21.21 11.65
C ALA A 145 7.05 -20.54 10.85
N GLU A 146 6.86 -19.24 11.08
CA GLU A 146 5.84 -18.48 10.37
C GLU A 146 6.16 -18.38 8.88
N ALA A 147 7.43 -18.14 8.56
CA ALA A 147 7.84 -18.03 7.17
C ALA A 147 7.60 -19.35 6.45
N GLU A 148 7.94 -20.46 7.11
CA GLU A 148 7.73 -21.76 6.50
C GLU A 148 6.25 -21.98 6.23
N ARG A 149 5.42 -21.63 7.21
CA ARG A 149 3.97 -21.79 7.08
C ARG A 149 3.42 -20.96 5.92
N ILE A 150 3.77 -19.68 5.90
CA ILE A 150 3.30 -18.77 4.87
C ILE A 150 3.77 -19.22 3.48
N ARG A 151 5.03 -19.62 3.37
CA ARG A 151 5.58 -20.06 2.11
C ARG A 151 4.93 -21.35 1.63
N GLU A 152 4.75 -22.30 2.54
CA GLU A 152 4.14 -23.58 2.19
C GLU A 152 2.65 -23.45 1.90
N THR A 153 1.99 -22.56 2.63
CA THR A 153 0.56 -22.37 2.45
C THR A 153 0.19 -21.57 1.20
N TYR A 154 0.88 -20.45 0.99
CA TYR A 154 0.59 -19.58 -0.14
C TYR A 154 1.61 -19.52 -1.28
N GLY A 155 2.78 -20.11 -1.07
CA GLY A 155 3.81 -20.09 -2.11
C GLY A 155 4.61 -18.79 -2.12
N ILE A 156 4.40 -17.96 -1.12
CA ILE A 156 5.10 -16.68 -1.00
C ILE A 156 6.60 -16.90 -0.82
N ASN A 157 7.39 -16.25 -1.67
CA ASN A 157 8.85 -16.39 -1.64
C ASN A 157 9.60 -15.12 -1.30
N THR A 158 8.87 -14.06 -0.93
CA THR A 158 9.50 -12.80 -0.57
C THR A 158 9.01 -12.36 0.80
N PHE A 159 9.95 -12.14 1.71
CA PHE A 159 9.60 -11.75 3.06
C PHE A 159 10.25 -10.45 3.49
N LYS A 160 9.44 -9.57 4.06
CA LYS A 160 9.94 -8.29 4.54
C LYS A 160 9.92 -8.38 6.05
N VAL A 161 11.08 -8.26 6.68
CA VAL A 161 11.15 -8.34 8.13
C VAL A 161 10.97 -6.96 8.75
N LYS A 162 9.99 -6.83 9.64
CA LYS A 162 9.74 -5.56 10.32
C LYS A 162 10.79 -5.48 11.40
N VAL A 163 11.52 -4.37 11.46
CA VAL A 163 12.56 -4.23 12.46
C VAL A 163 12.38 -2.91 13.22
N GLY A 164 13.28 -2.63 14.14
CA GLY A 164 13.19 -1.40 14.92
C GLY A 164 13.34 -1.57 16.42
N ARG A 165 13.63 -2.78 16.86
CA ARG A 165 13.80 -3.03 18.30
C ARG A 165 15.24 -2.79 18.75
N ARG A 166 15.42 -2.61 20.06
CA ARG A 166 16.74 -2.39 20.64
C ARG A 166 16.94 -3.41 21.76
N PRO A 167 18.13 -4.04 21.82
CA PRO A 167 19.27 -3.85 20.91
C PRO A 167 18.94 -4.35 19.50
N VAL A 168 19.64 -3.82 18.50
CA VAL A 168 19.40 -4.23 17.13
C VAL A 168 19.63 -5.72 16.90
N GLN A 169 20.44 -6.34 17.76
CA GLN A 169 20.74 -7.76 17.64
C GLN A 169 19.48 -8.62 17.67
N LEU A 170 18.44 -8.11 18.32
CA LEU A 170 17.18 -8.85 18.42
C LEU A 170 16.55 -9.03 17.05
N ASP A 171 16.70 -8.02 16.18
CA ASP A 171 16.14 -8.09 14.84
C ASP A 171 17.09 -8.71 13.83
N THR A 172 18.39 -8.43 13.96
CA THR A 172 19.36 -9.01 13.03
C THR A 172 19.39 -10.53 13.20
N ALA A 173 19.06 -10.99 14.40
CA ALA A 173 19.04 -12.42 14.69
C ALA A 173 17.88 -13.08 13.93
N VAL A 174 16.77 -12.36 13.82
CA VAL A 174 15.60 -12.87 13.12
C VAL A 174 15.88 -12.98 11.62
N VAL A 175 16.47 -11.93 11.05
CA VAL A 175 16.79 -11.94 9.62
C VAL A 175 17.80 -13.03 9.29
N ARG A 176 18.82 -13.19 10.13
CA ARG A 176 19.83 -14.20 9.91
C ARG A 176 19.23 -15.61 9.96
N ALA A 177 18.33 -15.84 10.92
CA ALA A 177 17.69 -17.15 11.05
C ALA A 177 16.91 -17.51 9.78
N LEU A 178 16.24 -16.52 9.20
CA LEU A 178 15.46 -16.73 7.99
C LEU A 178 16.37 -17.08 6.81
N ARG A 179 17.48 -16.36 6.69
CA ARG A 179 18.40 -16.63 5.58
C ARG A 179 19.06 -18.01 5.75
N GLU A 180 19.38 -18.39 6.98
CA GLU A 180 20.02 -19.67 7.22
C GLU A 180 19.08 -20.83 6.88
N ARG A 181 17.79 -20.63 7.12
CA ARG A 181 16.79 -21.65 6.84
C ARG A 181 16.49 -21.84 5.36
N PHE A 182 16.21 -20.75 4.66
CA PHE A 182 15.87 -20.79 3.25
C PHE A 182 16.98 -20.59 2.24
N GLY A 183 18.11 -20.01 2.69
CA GLY A 183 19.19 -19.77 1.77
C GLY A 183 18.76 -18.76 0.71
N ASP A 184 19.19 -18.98 -0.53
CA ASP A 184 18.83 -18.07 -1.62
C ASP A 184 17.46 -18.38 -2.22
N ALA A 185 16.71 -19.27 -1.58
CA ALA A 185 15.39 -19.66 -2.07
C ALA A 185 14.34 -18.58 -1.90
N ILE A 186 14.62 -17.60 -1.03
CA ILE A 186 13.66 -16.52 -0.82
C ILE A 186 14.34 -15.16 -0.91
N GLU A 187 13.52 -14.13 -1.08
CA GLU A 187 14.02 -12.76 -1.14
C GLU A 187 13.74 -12.18 0.24
N LEU A 188 14.64 -11.33 0.71
CA LEU A 188 14.49 -10.70 2.01
C LEU A 188 14.86 -9.24 1.99
N TYR A 189 14.14 -8.46 2.78
CA TYR A 189 14.45 -7.05 2.96
C TYR A 189 13.84 -6.62 4.28
N VAL A 190 14.18 -5.41 4.73
CA VAL A 190 13.72 -4.92 6.03
C VAL A 190 13.04 -3.57 5.99
N ASP A 191 12.17 -3.34 6.98
CA ASP A 191 11.42 -2.09 7.12
C ASP A 191 11.44 -1.73 8.62
N GLY A 192 12.03 -0.59 8.95
CA GLY A 192 12.11 -0.19 10.34
C GLY A 192 10.99 0.71 10.84
N ASN A 193 10.14 1.19 9.95
CA ASN A 193 9.05 2.07 10.35
C ASN A 193 9.55 3.20 11.24
N ARG A 194 10.71 3.75 10.90
CA ARG A 194 11.34 4.86 11.62
C ARG A 194 11.73 4.54 13.07
N GLY A 195 11.77 3.25 13.40
CA GLY A 195 12.07 2.83 14.76
C GLY A 195 13.49 2.95 15.29
N TRP A 196 14.48 2.90 14.40
CA TRP A 196 15.88 3.00 14.83
C TRP A 196 16.44 4.38 14.57
N SER A 197 17.54 4.69 15.24
CA SER A 197 18.22 5.95 14.99
C SER A 197 19.03 5.61 13.74
N ALA A 198 19.58 6.61 13.07
CA ALA A 198 20.38 6.35 11.88
C ALA A 198 21.61 5.52 12.26
N ALA A 199 22.21 5.83 13.40
CA ALA A 199 23.41 5.10 13.86
C ALA A 199 23.10 3.64 14.13
N GLU A 200 21.96 3.36 14.76
CA GLU A 200 21.57 1.98 15.04
C GLU A 200 21.30 1.26 13.73
N SER A 201 20.67 1.97 12.79
CA SER A 201 20.34 1.41 11.49
C SER A 201 21.60 0.94 10.76
N LEU A 202 22.65 1.76 10.78
CA LEU A 202 23.88 1.40 10.10
C LEU A 202 24.51 0.16 10.73
N ARG A 203 24.56 0.13 12.06
CA ARG A 203 25.15 -1.03 12.75
C ARG A 203 24.38 -2.29 12.41
N ALA A 204 23.06 -2.20 12.37
CA ALA A 204 22.22 -3.36 12.04
C ALA A 204 22.47 -3.86 10.62
N MET A 205 22.50 -2.94 9.66
CA MET A 205 22.73 -3.33 8.27
C MET A 205 24.13 -3.89 8.07
N ARG A 206 25.11 -3.33 8.75
CA ARG A 206 26.48 -3.83 8.63
C ARG A 206 26.53 -5.27 9.15
N GLU A 207 25.83 -5.52 10.24
CA GLU A 207 25.80 -6.86 10.83
C GLU A 207 25.16 -7.86 9.86
N MET A 208 24.24 -7.36 9.04
CA MET A 208 23.53 -8.21 8.08
C MET A 208 24.07 -8.07 6.66
N ALA A 209 25.27 -7.53 6.53
CA ALA A 209 25.88 -7.31 5.22
C ALA A 209 26.03 -8.57 4.37
N ASP A 210 26.03 -9.74 5.03
CA ASP A 210 26.19 -11.00 4.33
C ASP A 210 24.87 -11.71 4.05
N LEU A 211 23.76 -11.05 4.37
CA LEU A 211 22.44 -11.67 4.19
C LEU A 211 21.69 -11.28 2.91
N ASP A 212 22.36 -10.52 2.04
CA ASP A 212 21.80 -10.08 0.77
C ASP A 212 20.39 -9.48 0.85
N LEU A 213 20.23 -8.48 1.71
CA LEU A 213 18.94 -7.81 1.83
C LEU A 213 18.79 -6.93 0.58
N LEU A 214 17.66 -7.04 -0.11
CA LEU A 214 17.45 -6.29 -1.35
C LEU A 214 17.13 -4.82 -1.18
N PHE A 215 16.51 -4.47 -0.06
CA PHE A 215 16.12 -3.10 0.23
C PHE A 215 16.18 -2.82 1.72
N ALA A 216 16.27 -1.54 2.06
CA ALA A 216 16.24 -1.07 3.45
C ALA A 216 15.12 -0.05 3.39
N GLU A 217 14.08 -0.24 4.18
CA GLU A 217 12.94 0.68 4.16
C GLU A 217 12.73 1.46 5.45
N GLU A 218 12.73 2.79 5.33
CA GLU A 218 12.50 3.69 6.47
C GLU A 218 13.11 3.20 7.78
N LEU A 219 14.40 2.88 7.77
CA LEU A 219 15.04 2.37 8.98
C LEU A 219 14.98 3.37 10.14
N CYS A 220 15.20 4.64 9.81
CA CYS A 220 15.19 5.71 10.81
C CYS A 220 14.26 6.83 10.33
N PRO A 221 13.96 7.80 11.21
CA PRO A 221 13.06 8.89 10.80
C PRO A 221 13.65 9.75 9.69
N ALA A 222 12.85 10.05 8.67
CA ALA A 222 13.32 10.90 7.60
C ALA A 222 13.49 12.31 8.18
N ASP A 223 12.78 12.59 9.27
CA ASP A 223 12.86 13.91 9.88
C ASP A 223 14.15 14.12 10.70
N ASP A 224 14.96 13.06 10.85
CA ASP A 224 16.27 13.22 11.49
C ASP A 224 17.05 13.48 10.21
N VAL A 225 16.71 14.60 9.57
CA VAL A 225 17.23 14.97 8.26
C VAL A 225 18.67 14.67 7.88
N LEU A 226 19.63 15.32 8.53
CA LEU A 226 21.02 15.09 8.14
C LEU A 226 21.57 13.69 8.40
N SER A 227 21.20 13.09 9.53
CA SER A 227 21.70 11.74 9.82
C SER A 227 21.04 10.74 8.86
N ARG A 228 19.80 11.02 8.46
CA ARG A 228 19.10 10.15 7.52
C ARG A 228 19.84 10.17 6.19
N ARG A 229 20.22 11.37 5.74
CA ARG A 229 20.94 11.49 4.48
C ARG A 229 22.28 10.77 4.53
N ARG A 230 22.96 10.87 5.67
CA ARG A 230 24.26 10.21 5.80
C ARG A 230 24.09 8.71 5.70
N LEU A 231 23.09 8.18 6.40
CA LEU A 231 22.81 6.74 6.39
C LEU A 231 22.51 6.25 4.98
N VAL A 232 21.60 6.93 4.28
CA VAL A 232 21.24 6.52 2.94
C VAL A 232 22.46 6.44 2.03
N GLY A 233 23.39 7.37 2.19
CA GLY A 233 24.59 7.36 1.36
C GLY A 233 25.59 6.27 1.74
N GLN A 234 25.43 5.69 2.92
CA GLN A 234 26.34 4.65 3.39
C GLN A 234 25.90 3.24 2.98
N LEU A 235 24.61 3.08 2.65
CA LEU A 235 24.08 1.78 2.30
C LEU A 235 24.18 1.37 0.84
N ASP A 236 24.52 0.10 0.62
CA ASP A 236 24.66 -0.46 -0.73
C ASP A 236 23.33 -0.53 -1.47
N MET A 237 22.36 -1.19 -0.85
CA MET A 237 21.05 -1.38 -1.46
C MET A 237 20.21 -0.12 -1.46
N PRO A 238 19.15 -0.11 -2.29
CA PRO A 238 18.28 1.07 -2.35
C PRO A 238 17.55 1.23 -1.02
N PHE A 239 17.32 2.47 -0.63
CA PHE A 239 16.64 2.78 0.62
C PHE A 239 15.25 3.29 0.26
N ILE A 240 14.26 2.47 0.56
CA ILE A 240 12.87 2.81 0.26
C ILE A 240 12.27 3.82 1.22
N ALA A 241 11.74 4.90 0.67
CA ALA A 241 11.04 5.91 1.46
C ALA A 241 9.57 5.54 1.29
N ASP A 242 8.82 5.60 2.39
CA ASP A 242 7.42 5.22 2.40
C ASP A 242 6.58 6.33 3.05
N GLU A 243 6.49 6.32 4.37
CA GLU A 243 5.69 7.35 5.04
C GLU A 243 6.23 8.76 4.80
N SER A 244 7.49 8.86 4.40
CA SER A 244 8.09 10.18 4.16
C SER A 244 7.88 10.71 2.74
N VAL A 245 7.26 9.93 1.87
CA VAL A 245 7.01 10.38 0.50
C VAL A 245 5.56 10.16 0.09
N PRO A 246 4.62 10.76 0.83
CA PRO A 246 3.19 10.62 0.53
C PRO A 246 2.71 11.36 -0.72
N THR A 247 3.51 12.31 -1.21
CA THR A 247 3.16 13.08 -2.40
C THR A 247 4.33 13.19 -3.36
N PRO A 248 4.06 13.52 -4.63
CA PRO A 248 5.15 13.65 -5.60
C PRO A 248 6.18 14.70 -5.18
N ALA A 249 5.72 15.80 -4.57
CA ALA A 249 6.65 16.84 -4.14
C ALA A 249 7.60 16.30 -3.07
N ASP A 250 7.10 15.41 -2.22
CA ASP A 250 7.95 14.83 -1.19
C ASP A 250 8.96 13.90 -1.86
N VAL A 251 8.51 13.18 -2.89
CA VAL A 251 9.42 12.29 -3.62
C VAL A 251 10.58 13.13 -4.16
N THR A 252 10.26 14.25 -4.80
CA THR A 252 11.31 15.12 -5.34
C THR A 252 12.24 15.64 -4.25
N ARG A 253 11.69 16.18 -3.17
CA ARG A 253 12.54 16.71 -2.09
C ARG A 253 13.41 15.65 -1.41
N GLU A 254 12.83 14.49 -1.12
CA GLU A 254 13.60 13.45 -0.44
C GLU A 254 14.65 12.82 -1.36
N VAL A 255 14.30 12.64 -2.63
CA VAL A 255 15.24 12.04 -3.57
C VAL A 255 16.39 12.99 -3.90
N LEU A 256 16.07 14.23 -4.24
CA LEU A 256 17.13 15.17 -4.57
C LEU A 256 17.97 15.52 -3.33
N GLY A 257 17.35 15.44 -2.15
CA GLY A 257 18.06 15.74 -0.92
C GLY A 257 18.92 14.59 -0.44
N GLY A 258 18.70 13.40 -0.98
CA GLY A 258 19.49 12.24 -0.59
C GLY A 258 18.97 11.43 0.59
N SER A 259 17.71 11.62 0.95
CA SER A 259 17.13 10.86 2.06
C SER A 259 16.33 9.65 1.59
N ALA A 260 16.29 9.45 0.27
CA ALA A 260 15.57 8.33 -0.31
C ALA A 260 16.22 7.92 -1.63
N THR A 261 16.37 6.62 -1.84
CA THR A 261 16.95 6.13 -3.09
C THR A 261 16.06 5.10 -3.78
N ALA A 262 14.85 4.93 -3.25
CA ALA A 262 13.83 4.04 -3.80
C ALA A 262 12.49 4.55 -3.27
N ILE A 263 11.40 4.23 -3.97
CA ILE A 263 10.09 4.74 -3.58
C ILE A 263 8.99 3.70 -3.38
N SER A 264 8.28 3.80 -2.27
CA SER A 264 7.16 2.91 -2.00
C SER A 264 5.92 3.58 -2.58
N ILE A 265 5.14 2.84 -3.34
CA ILE A 265 3.90 3.39 -3.87
C ILE A 265 2.78 2.64 -3.17
N LYS A 266 1.89 3.37 -2.52
CA LYS A 266 0.76 2.75 -1.84
C LYS A 266 -0.51 3.39 -2.37
N THR A 267 -1.33 2.60 -3.02
CA THR A 267 -2.58 3.12 -3.58
C THR A 267 -3.49 3.67 -2.48
N ALA A 268 -3.30 3.21 -1.24
CA ALA A 268 -4.13 3.70 -0.14
C ALA A 268 -3.96 5.21 0.04
N ARG A 269 -2.76 5.71 -0.21
CA ARG A 269 -2.51 7.15 -0.05
C ARG A 269 -2.45 7.97 -1.35
N THR A 270 -2.18 7.33 -2.49
CA THR A 270 -2.13 8.09 -3.73
C THR A 270 -3.10 7.59 -4.80
N GLY A 271 -3.97 6.65 -4.42
CA GLY A 271 -4.96 6.13 -5.36
C GLY A 271 -4.39 5.64 -6.68
N PHE A 272 -5.07 5.95 -7.79
CA PHE A 272 -4.58 5.54 -9.10
C PHE A 272 -4.04 6.74 -9.87
N THR A 273 -4.77 7.86 -9.82
CA THR A 273 -4.34 9.06 -10.52
C THR A 273 -3.05 9.58 -9.89
N GLY A 274 -3.03 9.66 -8.57
CA GLY A 274 -1.84 10.12 -7.87
C GLY A 274 -0.69 9.12 -7.99
N SER A 275 -1.01 7.83 -7.90
CA SER A 275 0.05 6.84 -8.00
C SER A 275 0.71 6.85 -9.37
N THR A 276 -0.04 7.19 -10.41
CA THR A 276 0.53 7.26 -11.75
C THR A 276 1.52 8.41 -11.76
N ARG A 277 1.20 9.48 -11.06
CA ARG A 277 2.09 10.62 -10.98
C ARG A 277 3.38 10.23 -10.27
N VAL A 278 3.26 9.40 -9.23
CA VAL A 278 4.45 8.96 -8.50
C VAL A 278 5.27 8.01 -9.36
N HIS A 279 4.61 7.04 -10.02
CA HIS A 279 5.32 6.11 -10.87
C HIS A 279 6.08 6.82 -11.99
N HIS A 280 5.43 7.77 -12.66
CA HIS A 280 6.10 8.48 -13.75
C HIS A 280 7.25 9.33 -13.25
N LEU A 281 7.10 9.91 -12.06
CA LEU A 281 8.18 10.73 -11.51
C LEU A 281 9.37 9.82 -11.16
N ALA A 282 9.09 8.71 -10.47
CA ALA A 282 10.15 7.78 -10.11
C ALA A 282 10.83 7.16 -11.33
N GLU A 283 10.05 6.83 -12.36
CA GLU A 283 10.61 6.23 -13.56
C GLU A 283 11.49 7.26 -14.29
N GLY A 284 11.00 8.50 -14.36
CA GLY A 284 11.75 9.54 -15.03
C GLY A 284 13.04 9.88 -14.33
N LEU A 285 13.03 9.85 -13.00
CA LEU A 285 14.22 10.14 -12.22
C LEU A 285 15.19 8.95 -12.22
N GLY A 286 14.65 7.76 -12.44
CA GLY A 286 15.47 6.55 -12.46
C GLY A 286 15.61 5.89 -11.11
N LEU A 287 14.49 5.71 -10.41
CA LEU A 287 14.47 5.09 -9.09
C LEU A 287 13.57 3.87 -9.03
N ASP A 288 13.98 2.87 -8.24
CA ASP A 288 13.16 1.67 -8.09
C ASP A 288 11.91 2.01 -7.30
N MET A 289 10.86 1.24 -7.54
CA MET A 289 9.61 1.45 -6.83
C MET A 289 8.99 0.11 -6.46
N VAL A 290 8.32 0.08 -5.32
CA VAL A 290 7.71 -1.14 -4.81
C VAL A 290 6.30 -0.84 -4.31
N MET A 291 5.36 -1.72 -4.64
CA MET A 291 3.99 -1.55 -4.19
C MET A 291 3.92 -1.94 -2.72
N GLY A 292 3.50 -1.01 -1.88
CA GLY A 292 3.40 -1.28 -0.46
C GLY A 292 2.01 -1.60 0.04
N ASN A 293 1.92 -1.87 1.34
CA ASN A 293 0.67 -2.22 2.00
C ASN A 293 0.42 -1.26 3.16
N GLN A 294 -0.82 -0.78 3.28
CA GLN A 294 -1.18 0.14 4.35
C GLN A 294 -1.99 -0.63 5.39
N ILE A 295 -1.66 -1.92 5.54
CA ILE A 295 -2.40 -2.81 6.43
C ILE A 295 -3.80 -2.79 5.85
N ASP A 296 -3.85 -3.05 4.55
CA ASP A 296 -5.08 -3.02 3.76
C ASP A 296 -5.96 -4.25 3.91
N GLY A 297 -7.26 -4.02 3.72
CA GLY A 297 -8.21 -5.12 3.74
C GLY A 297 -8.21 -5.59 2.30
N GLN A 298 -9.10 -6.51 1.95
CA GLN A 298 -9.12 -7.01 0.58
C GLN A 298 -9.51 -5.95 -0.46
N ILE A 299 -10.28 -4.95 -0.06
CA ILE A 299 -10.66 -3.90 -1.00
C ILE A 299 -9.40 -3.12 -1.38
N GLY A 300 -8.63 -2.74 -0.37
CA GLY A 300 -7.40 -2.00 -0.63
C GLY A 300 -6.38 -2.83 -1.39
N THR A 301 -6.33 -4.13 -1.10
CA THR A 301 -5.39 -5.01 -1.78
C THR A 301 -5.76 -5.17 -3.25
N ALA A 302 -7.06 -5.22 -3.54
CA ALA A 302 -7.51 -5.33 -4.92
C ALA A 302 -7.06 -4.07 -5.67
N CYS A 303 -7.03 -2.94 -4.97
CA CYS A 303 -6.60 -1.69 -5.58
C CYS A 303 -5.10 -1.74 -5.86
N THR A 304 -4.34 -2.22 -4.90
CA THR A 304 -2.89 -2.31 -5.05
C THR A 304 -2.51 -3.15 -6.27
N VAL A 305 -3.11 -4.32 -6.40
CA VAL A 305 -2.79 -5.19 -7.53
C VAL A 305 -3.28 -4.59 -8.85
N SER A 306 -4.41 -3.88 -8.81
CA SER A 306 -4.92 -3.26 -10.02
C SER A 306 -3.88 -2.29 -10.60
N PHE A 307 -3.27 -1.51 -9.72
CA PHE A 307 -2.27 -0.53 -10.15
C PHE A 307 -0.91 -1.18 -10.48
N GLY A 308 -0.43 -2.02 -9.57
CA GLY A 308 0.86 -2.66 -9.75
C GLY A 308 1.00 -3.49 -11.02
N THR A 309 -0.08 -4.14 -11.44
CA THR A 309 0.00 -4.96 -12.65
C THR A 309 -0.01 -4.14 -13.93
N ALA A 310 -0.41 -2.88 -13.83
CA ALA A 310 -0.51 -2.03 -15.01
C ALA A 310 0.83 -1.59 -15.59
N PHE A 311 1.86 -1.58 -14.75
CA PHE A 311 3.19 -1.14 -15.19
C PHE A 311 4.29 -2.15 -14.95
N GLU A 312 5.33 -2.08 -15.79
CA GLU A 312 6.46 -2.99 -15.68
C GLU A 312 7.32 -2.67 -14.45
N ARG A 313 7.55 -1.39 -14.18
CA ARG A 313 8.41 -1.01 -13.06
C ARG A 313 7.87 -1.41 -11.70
N THR A 314 6.55 -1.53 -11.58
CA THR A 314 5.96 -1.93 -10.32
C THR A 314 5.82 -3.45 -10.23
N SER A 315 5.52 -4.08 -11.36
CA SER A 315 5.36 -5.52 -11.36
C SER A 315 6.67 -6.31 -11.35
N ARG A 316 7.80 -5.63 -11.58
CA ARG A 316 9.09 -6.32 -11.56
C ARG A 316 9.51 -6.69 -10.14
N HIS A 317 8.81 -6.13 -9.15
CA HIS A 317 9.11 -6.41 -7.75
C HIS A 317 7.87 -7.02 -7.11
N ALA A 318 8.06 -7.77 -6.03
CA ALA A 318 6.92 -8.35 -5.34
C ALA A 318 6.18 -7.19 -4.67
N GLY A 319 4.88 -7.36 -4.46
CA GLY A 319 4.11 -6.31 -3.80
C GLY A 319 3.65 -6.78 -2.44
N GLU A 320 3.57 -5.86 -1.48
CA GLU A 320 3.10 -6.20 -0.13
C GLU A 320 1.60 -6.40 -0.27
N LEU A 321 1.19 -7.65 -0.46
CA LEU A 321 -0.21 -7.97 -0.70
C LEU A 321 -0.82 -9.05 0.17
N SER A 322 -0.23 -9.33 1.33
CA SER A 322 -0.77 -10.41 2.17
C SER A 322 -1.31 -10.02 3.54
N ASN A 323 -1.30 -8.73 3.87
CA ASN A 323 -1.77 -8.30 5.18
C ASN A 323 -3.24 -8.63 5.47
N PHE A 324 -4.07 -8.60 4.44
CA PHE A 324 -5.50 -8.88 4.62
C PHE A 324 -5.78 -10.25 5.23
N LEU A 325 -4.82 -11.17 5.12
CA LEU A 325 -5.00 -12.51 5.67
C LEU A 325 -5.16 -12.50 7.19
N ASP A 326 -4.69 -11.45 7.84
CA ASP A 326 -4.78 -11.36 9.30
C ASP A 326 -6.15 -10.90 9.81
N MET A 327 -7.01 -10.47 8.89
CA MET A 327 -8.35 -10.02 9.28
C MET A 327 -9.23 -11.26 9.47
N SER A 328 -10.17 -11.18 10.40
CA SER A 328 -11.05 -12.30 10.70
C SER A 328 -12.14 -12.48 9.66
N ASP A 329 -12.34 -11.47 8.82
CA ASP A 329 -13.36 -11.51 7.78
C ASP A 329 -13.17 -10.25 6.93
N ASP A 330 -13.93 -10.14 5.85
CA ASP A 330 -13.84 -8.96 4.99
C ASP A 330 -15.17 -8.72 4.28
N LEU A 331 -15.25 -7.66 3.49
CA LEU A 331 -16.49 -7.28 2.82
C LEU A 331 -16.77 -7.77 1.40
N LEU A 332 -15.83 -8.50 0.80
CA LEU A 332 -16.05 -8.96 -0.57
C LEU A 332 -16.95 -10.18 -0.69
N THR A 333 -17.69 -10.27 -1.79
CA THR A 333 -18.56 -11.42 -2.02
C THR A 333 -17.70 -12.61 -2.41
N VAL A 334 -16.57 -12.31 -3.06
CA VAL A 334 -15.63 -13.34 -3.49
C VAL A 334 -14.25 -12.91 -2.97
N PRO A 335 -13.73 -13.64 -1.98
CA PRO A 335 -12.42 -13.30 -1.40
C PRO A 335 -11.22 -13.45 -2.33
N LEU A 336 -10.18 -12.67 -2.05
CA LEU A 336 -8.96 -12.73 -2.85
C LEU A 336 -8.23 -14.00 -2.45
N GLN A 337 -7.52 -14.59 -3.40
CA GLN A 337 -6.75 -15.80 -3.13
C GLN A 337 -5.32 -15.67 -3.63
N ILE A 338 -4.37 -16.02 -2.77
CA ILE A 338 -2.96 -15.99 -3.11
C ILE A 338 -2.53 -17.43 -3.35
N SER A 339 -1.97 -17.70 -4.53
CA SER A 339 -1.51 -19.04 -4.87
C SER A 339 -0.19 -18.95 -5.63
N ASP A 340 0.72 -19.88 -5.33
CA ASP A 340 2.03 -19.91 -5.96
C ASP A 340 2.73 -18.57 -5.77
N GLY A 341 2.56 -18.00 -4.59
CA GLY A 341 3.18 -16.72 -4.25
C GLY A 341 2.78 -15.55 -5.12
N GLN A 342 1.62 -15.63 -5.77
CA GLN A 342 1.17 -14.55 -6.63
C GLN A 342 -0.29 -14.19 -6.43
N LEU A 343 -0.67 -13.01 -6.89
CA LEU A 343 -2.04 -12.52 -6.82
C LEU A 343 -2.38 -11.93 -8.19
N HIS A 344 -3.45 -12.43 -8.80
CA HIS A 344 -3.85 -11.93 -10.11
C HIS A 344 -4.77 -10.73 -9.96
N ARG A 345 -4.78 -9.85 -10.95
CA ARG A 345 -5.69 -8.73 -10.89
C ARG A 345 -7.04 -9.36 -11.21
N ARG A 346 -8.11 -8.84 -10.64
CA ARG A 346 -9.45 -9.40 -10.86
C ARG A 346 -9.84 -9.34 -12.34
N PRO A 347 -10.54 -10.38 -12.82
CA PRO A 347 -10.99 -10.45 -14.21
C PRO A 347 -12.13 -9.51 -14.57
N GLY A 348 -12.95 -9.15 -13.58
CA GLY A 348 -14.09 -8.29 -13.83
C GLY A 348 -13.81 -6.82 -14.09
N PRO A 349 -14.81 -6.08 -14.61
CA PRO A 349 -14.67 -4.65 -14.90
C PRO A 349 -14.37 -3.87 -13.62
N GLY A 350 -13.74 -2.71 -13.77
CA GLY A 350 -13.40 -1.92 -12.60
C GLY A 350 -12.41 -2.69 -11.74
N LEU A 351 -12.62 -2.68 -10.43
CA LEU A 351 -11.73 -3.40 -9.51
C LEU A 351 -12.03 -4.89 -9.52
N GLY A 352 -13.13 -5.25 -10.16
CA GLY A 352 -13.52 -6.66 -10.24
C GLY A 352 -13.97 -7.21 -8.90
N ILE A 353 -14.56 -6.35 -8.07
CA ILE A 353 -15.04 -6.77 -6.75
C ILE A 353 -16.46 -6.30 -6.50
N GLU A 354 -17.10 -6.90 -5.51
CA GLU A 354 -18.46 -6.53 -5.14
C GLU A 354 -18.59 -6.63 -3.63
N ILE A 355 -19.25 -5.65 -3.03
CA ILE A 355 -19.45 -5.63 -1.59
C ILE A 355 -20.61 -6.53 -1.22
N ASP A 356 -20.38 -7.40 -0.24
CA ASP A 356 -21.43 -8.30 0.23
C ASP A 356 -22.33 -7.50 1.16
N PRO A 357 -23.60 -7.28 0.76
CA PRO A 357 -24.57 -6.52 1.55
C PRO A 357 -24.67 -6.94 3.02
N ASP A 358 -24.71 -8.25 3.26
CA ASP A 358 -24.83 -8.74 4.63
C ASP A 358 -23.58 -8.45 5.46
N LYS A 359 -22.42 -8.52 4.83
CA LYS A 359 -21.17 -8.25 5.53
C LYS A 359 -21.10 -6.79 5.94
N LEU A 360 -21.47 -5.89 5.03
CA LEU A 360 -21.45 -4.46 5.31
C LEU A 360 -22.44 -4.11 6.43
N ALA A 361 -23.62 -4.73 6.37
CA ALA A 361 -24.64 -4.47 7.38
C ALA A 361 -24.18 -4.91 8.76
N HIS A 362 -23.44 -6.02 8.81
CA HIS A 362 -22.95 -6.56 10.07
C HIS A 362 -21.75 -5.83 10.66
N TYR A 363 -20.88 -5.30 9.80
CA TYR A 363 -19.69 -4.62 10.28
C TYR A 363 -19.70 -3.09 10.31
N ARG A 364 -20.66 -2.45 9.63
CA ARG A 364 -20.70 -1.00 9.65
C ARG A 364 -20.97 -0.50 11.06
N THR A 365 -20.45 0.68 11.39
CA THR A 365 -20.60 1.23 12.72
C THR A 365 -21.30 2.58 12.79
N ASP A 366 -22.10 2.89 11.79
CA ASP A 366 -22.82 4.17 11.76
C ASP A 366 -24.29 3.94 12.09
MG MG B . 6.72 0.57 5.00
#